data_1OKK
#
_entry.id   1OKK
#
_cell.length_a   98.905
_cell.length_b   98.905
_cell.length_c   130.745
_cell.angle_alpha   90.00
_cell.angle_beta   90.00
_cell.angle_gamma   90.00
#
_symmetry.space_group_name_H-M   'P 41 21 2'
#
loop_
_entity.id
_entity.type
_entity.pdbx_description
1 polymer 'SIGNAL RECOGNITION PARTICLE PROTEIN'
2 polymer 'CELL DIVISION PROTEIN FTSY'
3 non-polymer 'PHOSPHOMETHYLPHOSPHONIC ACID GUANYLATE ESTER'
4 non-polymer 'MAGNESIUM ION'
5 non-polymer N1-CARBOXYPIPERAZINE
6 non-polymer 'SULFATE ION'
7 non-polymer 1,2-ETHANEDIOL
8 water water
#
loop_
_entity_poly.entity_id
_entity_poly.type
_entity_poly.pdbx_seq_one_letter_code
_entity_poly.pdbx_strand_id
1 'polypeptide(L)'
;MFQQLSARLQEAIGRLRGRGRITEEDLKATLREIRRALMDADVNLEVARDFVERVREEALGKQVLESLTPAEVILATVYE
ALKEALGGEARLPVLKDRNLWFLVGLQGSGKTTTAAKLALYYKGKGRRPLLVAADTQRPAAREQLRLLGEKVGVPVLEVM
DGESPESIRRRVEEKARLEARDLILVDTAGRLQIDEPLMGELARLKEVLGPDEVLLVLDAMTGQEALSVARAFDEKVGVT
GLVLTKLDGDARGGAALSARHVTGKPIYFAGVSEKPEGLEPFYPERLAGRILGM
;
A
2 'polypeptide(L)'
;GFFDRLKAGLAKTRERLLKAIPWGGNLEEVLEELEMALLAADVGLSATEEILQEVRASGRKDLKEAVKEKLVGMLEPDER
RATLRKLGFNPQKPKPVEPKGRVVLVVGVNGVGKTTTIAKLGRYYQNLGKKVMFCAGDTFRAAGGTQLSEWGKRLSIPVI
QGPEGTDPAALAYDAVQAMKARGYDLLFVDTAGRLHTKHNLMEELKKVKRAIAKADPEEPKEVWLVLDAVTGQNGLEQAK
KFHEAVGLTGVIVTKLDGTAKGGVLIPIVRTLKVPIKFVGVGEGPDDLQPFDPEAFVEALLED
;
D
#
loop_
_chem_comp.id
_chem_comp.type
_chem_comp.name
_chem_comp.formula
BZP non-polymer N1-CARBOXYPIPERAZINE 'C5 H10 N2 O2'
EDO non-polymer 1,2-ETHANEDIOL 'C2 H6 O2'
GCP non-polymer 'PHOSPHOMETHYLPHOSPHONIC ACID GUANYLATE ESTER' 'C11 H18 N5 O13 P3'
MG non-polymer 'MAGNESIUM ION' 'Mg 2'
SO4 non-polymer 'SULFATE ION' 'O4 S -2'
#
# COMPACT_ATOMS: atom_id res chain seq x y z
N GLN A 4 -6.26 24.00 -10.17
CA GLN A 4 -5.39 22.80 -9.99
C GLN A 4 -6.19 21.53 -9.65
N LEU A 5 -7.46 21.48 -10.02
CA LEU A 5 -8.29 20.32 -9.70
C LEU A 5 -7.99 19.15 -10.63
N SER A 6 -8.43 17.97 -10.21
CA SER A 6 -8.50 16.80 -11.09
C SER A 6 -9.45 17.10 -12.23
N ALA A 7 -9.27 16.43 -13.36
CA ALA A 7 -10.02 16.70 -14.58
C ALA A 7 -11.52 16.59 -14.32
N ARG A 8 -11.94 15.53 -13.65
CA ARG A 8 -13.36 15.27 -13.40
C ARG A 8 -14.01 16.34 -12.52
N LEU A 9 -13.31 16.82 -11.51
CA LEU A 9 -13.83 17.92 -10.68
C LEU A 9 -13.85 19.22 -11.45
N GLN A 10 -12.80 19.49 -12.22
CA GLN A 10 -12.71 20.66 -13.10
C GLN A 10 -13.93 20.73 -14.02
N GLU A 11 -14.28 19.59 -14.60
N GLU A 11 -14.30 19.60 -14.60
CA GLU A 11 -15.42 19.49 -15.50
CA GLU A 11 -15.45 19.53 -15.49
C GLU A 11 -16.74 19.69 -14.73
C GLU A 11 -16.74 19.73 -14.72
N ALA A 12 -16.86 19.06 -13.56
CA ALA A 12 -18.06 19.13 -12.73
C ALA A 12 -18.36 20.55 -12.21
N ILE A 13 -17.33 21.22 -11.69
CA ILE A 13 -17.44 22.57 -11.17
C ILE A 13 -17.52 23.55 -12.33
N GLY A 14 -16.58 23.43 -13.25
CA GLY A 14 -16.46 24.32 -14.40
C GLY A 14 -17.69 24.50 -15.25
N ARG A 15 -18.45 23.43 -15.44
CA ARG A 15 -19.65 23.47 -16.29
C ARG A 15 -20.80 24.27 -15.65
N LEU A 16 -20.70 24.59 -14.36
CA LEU A 16 -21.68 25.47 -13.73
C LEU A 16 -21.33 26.95 -13.95
N ARG A 17 -20.05 27.25 -14.16
CA ARG A 17 -19.59 28.65 -14.25
C ARG A 17 -20.24 29.45 -15.37
N GLY A 18 -20.76 30.62 -15.03
CA GLY A 18 -21.38 31.53 -15.99
C GLY A 18 -22.73 31.08 -16.51
N ARG A 19 -23.36 30.12 -15.84
CA ARG A 19 -24.63 29.53 -16.30
C ARG A 19 -25.80 29.98 -15.47
N GLY A 20 -25.57 30.87 -14.52
CA GLY A 20 -26.65 31.38 -13.70
C GLY A 20 -26.86 30.55 -12.46
N ARG A 21 -27.90 30.88 -11.74
CA ARG A 21 -28.21 30.22 -10.48
C ARG A 21 -28.63 28.78 -10.77
N ILE A 22 -28.25 27.86 -9.89
CA ILE A 22 -28.52 26.44 -10.12
C ILE A 22 -29.80 25.93 -9.44
N THR A 23 -30.25 24.77 -9.89
CA THR A 23 -31.35 24.05 -9.28
C THR A 23 -30.77 22.95 -8.45
N GLU A 24 -31.61 22.31 -7.63
CA GLU A 24 -31.18 21.18 -6.85
C GLU A 24 -30.76 20.03 -7.76
N GLU A 25 -31.33 19.93 -8.95
CA GLU A 25 -30.91 18.91 -9.90
C GLU A 25 -29.44 19.08 -10.33
N ASP A 26 -29.04 20.34 -10.54
CA ASP A 26 -27.66 20.68 -10.83
C ASP A 26 -26.73 20.34 -9.66
N LEU A 27 -27.21 20.61 -8.44
CA LEU A 27 -26.44 20.33 -7.22
C LEU A 27 -26.24 18.82 -7.11
N LYS A 28 -27.29 18.06 -7.37
CA LYS A 28 -27.23 16.60 -7.30
C LYS A 28 -26.24 16.01 -8.30
N ALA A 29 -26.28 16.49 -9.55
CA ALA A 29 -25.39 16.00 -10.60
C ALA A 29 -23.95 16.34 -10.26
N THR A 30 -23.72 17.53 -9.72
CA THR A 30 -22.37 17.94 -9.34
C THR A 30 -21.83 17.08 -8.20
N LEU A 31 -22.66 16.88 -7.17
CA LEU A 31 -22.26 16.09 -6.01
C LEU A 31 -21.96 14.64 -6.39
N ARG A 32 -22.71 14.09 -7.35
CA ARG A 32 -22.43 12.74 -7.85
C ARG A 32 -21.01 12.67 -8.41
N GLU A 33 -20.60 13.69 -9.17
CA GLU A 33 -19.27 13.72 -9.76
C GLU A 33 -18.19 13.93 -8.71
N ILE A 34 -18.50 14.72 -7.69
CA ILE A 34 -17.60 14.88 -6.56
C ILE A 34 -17.40 13.56 -5.81
N ARG A 35 -18.50 12.83 -5.59
CA ARG A 35 -18.45 11.52 -4.96
C ARG A 35 -17.54 10.57 -5.75
N ARG A 36 -17.75 10.55 -7.06
CA ARG A 36 -16.98 9.70 -7.95
C ARG A 36 -15.49 10.10 -7.96
N ALA A 37 -15.19 11.40 -7.95
CA ALA A 37 -13.82 11.90 -7.86
C ALA A 37 -13.14 11.45 -6.55
N LEU A 38 -13.87 11.49 -5.44
CA LEU A 38 -13.32 11.07 -4.16
C LEU A 38 -12.97 9.57 -4.22
N MET A 39 -13.80 8.77 -4.88
CA MET A 39 -13.52 7.33 -5.03
C MET A 39 -12.30 7.10 -5.93
N ASP A 40 -12.14 7.89 -6.98
N ASP A 40 -12.16 7.87 -7.02
CA ASP A 40 -10.99 7.82 -7.85
CA ASP A 40 -10.95 7.89 -7.85
C ASP A 40 -9.70 8.23 -7.10
C ASP A 40 -9.72 8.09 -6.99
N ALA A 41 -9.87 8.97 -6.00
CA ALA A 41 -8.79 9.34 -5.11
C ALA A 41 -8.63 8.39 -3.90
N ASP A 42 -9.26 7.21 -3.97
CA ASP A 42 -9.18 6.13 -2.98
C ASP A 42 -9.91 6.37 -1.66
N VAL A 43 -10.82 7.35 -1.64
CA VAL A 43 -11.76 7.45 -0.52
C VAL A 43 -12.71 6.27 -0.62
N ASN A 44 -12.92 5.59 0.50
CA ASN A 44 -13.80 4.41 0.52
C ASN A 44 -15.21 4.86 0.08
N LEU A 45 -15.89 4.02 -0.68
CA LEU A 45 -17.17 4.41 -1.31
C LEU A 45 -18.24 4.86 -0.32
N GLU A 46 -18.32 4.22 0.85
CA GLU A 46 -19.28 4.58 1.89
C GLU A 46 -18.94 5.92 2.54
N VAL A 47 -17.66 6.14 2.77
CA VAL A 47 -17.17 7.39 3.35
C VAL A 47 -17.36 8.55 2.36
N ALA A 48 -17.14 8.29 1.08
CA ALA A 48 -17.36 9.31 0.05
C ALA A 48 -18.84 9.68 -0.03
N ARG A 49 -19.72 8.69 0.12
CA ARG A 49 -21.15 8.99 0.13
C ARG A 49 -21.53 9.86 1.34
N ASP A 50 -21.10 9.48 2.54
CA ASP A 50 -21.37 10.26 3.75
C ASP A 50 -20.84 11.67 3.59
N PHE A 51 -19.65 11.79 3.01
CA PHE A 51 -19.02 13.10 2.82
C PHE A 51 -19.86 14.00 1.92
N VAL A 52 -20.29 13.52 0.77
CA VAL A 52 -21.05 14.38 -0.13
C VAL A 52 -22.46 14.66 0.41
N GLU A 53 -23.01 13.76 1.21
CA GLU A 53 -24.27 14.04 1.89
C GLU A 53 -24.09 15.23 2.85
N ARG A 54 -22.99 15.24 3.60
CA ARG A 54 -22.67 16.36 4.47
C ARG A 54 -22.50 17.65 3.66
N VAL A 55 -21.73 17.59 2.58
CA VAL A 55 -21.53 18.75 1.71
C VAL A 55 -22.88 19.26 1.20
N ARG A 56 -23.77 18.36 0.80
CA ARG A 56 -25.06 18.77 0.26
C ARG A 56 -25.80 19.62 1.28
N GLU A 57 -25.86 19.15 2.51
CA GLU A 57 -26.62 19.89 3.53
C GLU A 57 -25.93 21.20 3.87
N GLU A 58 -24.60 21.24 3.88
CA GLU A 58 -23.88 22.49 4.14
C GLU A 58 -24.09 23.50 3.02
N ALA A 59 -24.02 23.04 1.77
CA ALA A 59 -24.18 23.93 0.62
C ALA A 59 -25.60 24.49 0.60
N LEU A 60 -26.60 23.64 0.84
CA LEU A 60 -28.00 24.10 0.91
C LEU A 60 -28.18 25.14 2.01
N GLY A 61 -27.60 24.89 3.18
CA GLY A 61 -27.64 25.79 4.30
C GLY A 61 -26.92 27.11 4.08
N LYS A 62 -25.91 27.12 3.21
CA LYS A 62 -25.25 28.34 2.76
C LYS A 62 -26.02 29.04 1.64
N GLN A 63 -27.22 28.56 1.33
CA GLN A 63 -28.07 29.15 0.28
C GLN A 63 -27.40 29.07 -1.09
N VAL A 64 -26.81 27.91 -1.39
CA VAL A 64 -26.16 27.69 -2.69
C VAL A 64 -27.13 27.89 -3.87
N LEU A 65 -28.39 27.54 -3.67
CA LEU A 65 -29.42 27.71 -4.69
C LEU A 65 -29.76 29.19 -5.00
N GLU A 66 -29.30 30.12 -4.18
CA GLU A 66 -29.49 31.55 -4.47
C GLU A 66 -28.17 32.23 -4.84
N SER A 67 -27.07 31.50 -4.78
CA SER A 67 -25.75 32.06 -5.09
C SER A 67 -25.64 32.39 -6.58
N LEU A 68 -25.01 33.53 -6.86
CA LEU A 68 -24.65 33.94 -8.22
C LEU A 68 -23.33 33.34 -8.69
N THR A 69 -22.62 32.68 -7.76
CA THR A 69 -21.38 31.97 -8.09
C THR A 69 -21.38 30.54 -7.53
N PRO A 70 -22.38 29.74 -7.90
CA PRO A 70 -22.54 28.41 -7.30
C PRO A 70 -21.34 27.49 -7.50
N ALA A 71 -20.65 27.61 -8.62
CA ALA A 71 -19.49 26.77 -8.89
C ALA A 71 -18.43 26.99 -7.82
N GLU A 72 -18.20 28.24 -7.47
CA GLU A 72 -17.21 28.63 -6.46
C GLU A 72 -17.68 28.29 -5.05
N VAL A 73 -18.97 28.45 -4.77
CA VAL A 73 -19.51 28.11 -3.46
C VAL A 73 -19.38 26.60 -3.21
N ILE A 74 -19.70 25.79 -4.23
CA ILE A 74 -19.63 24.34 -4.07
C ILE A 74 -18.18 23.92 -3.86
N LEU A 75 -17.28 24.45 -4.67
CA LEU A 75 -15.86 24.12 -4.56
C LEU A 75 -15.31 24.49 -3.20
N ALA A 76 -15.62 25.70 -2.73
CA ALA A 76 -15.14 26.14 -1.42
C ALA A 76 -15.73 25.27 -0.30
N THR A 77 -16.99 24.89 -0.44
CA THR A 77 -17.65 24.04 0.55
C THR A 77 -16.96 22.66 0.64
N VAL A 78 -16.66 22.07 -0.52
CA VAL A 78 -16.00 20.77 -0.59
C VAL A 78 -14.60 20.84 0.03
N TYR A 79 -13.83 21.86 -0.35
CA TYR A 79 -12.48 22.01 0.15
C TYR A 79 -12.44 22.21 1.67
N GLU A 80 -13.30 23.10 2.18
CA GLU A 80 -13.38 23.39 3.59
C GLU A 80 -13.84 22.14 4.36
N ALA A 81 -14.85 21.44 3.86
CA ALA A 81 -15.35 20.22 4.51
C ALA A 81 -14.29 19.12 4.52
N LEU A 82 -13.54 19.01 3.45
CA LEU A 82 -12.51 17.95 3.37
C LEU A 82 -11.34 18.28 4.34
N LYS A 83 -10.93 19.54 4.37
CA LYS A 83 -9.92 20.01 5.30
C LYS A 83 -10.33 19.71 6.72
N GLU A 84 -11.56 20.08 7.08
CA GLU A 84 -12.05 19.81 8.44
C GLU A 84 -12.14 18.32 8.71
N ALA A 85 -12.62 17.54 7.76
CA ALA A 85 -12.79 16.09 7.96
C ALA A 85 -11.45 15.38 8.14
N LEU A 86 -10.38 15.96 7.59
CA LEU A 86 -9.02 15.43 7.76
C LEU A 86 -8.32 15.94 9.04
N GLY A 87 -9.00 16.81 9.79
CA GLY A 87 -8.50 17.27 11.08
C GLY A 87 -8.41 18.78 11.26
N GLY A 88 -8.61 19.53 10.18
CA GLY A 88 -8.61 20.98 10.23
C GLY A 88 -7.20 21.55 10.19
N GLU A 89 -6.47 21.39 11.29
CA GLU A 89 -5.10 21.89 11.40
C GLU A 89 -4.17 20.80 11.94
N ALA A 90 -2.87 21.05 11.81
CA ALA A 90 -1.85 20.15 12.31
C ALA A 90 -2.01 19.98 13.80
N ARG A 91 -1.78 18.77 14.27
CA ARG A 91 -1.75 18.47 15.69
C ARG A 91 -0.81 17.30 15.92
N LEU A 92 0.03 17.39 16.95
CA LEU A 92 0.99 16.34 17.29
C LEU A 92 0.58 15.71 18.62
N PRO A 93 1.11 14.53 18.94
CA PRO A 93 0.80 13.89 20.23
C PRO A 93 1.24 14.74 21.43
N VAL A 94 0.44 14.68 22.48
CA VAL A 94 0.72 15.37 23.73
C VAL A 94 1.83 14.59 24.43
N LEU A 95 2.93 15.27 24.72
CA LEU A 95 4.03 14.66 25.43
C LEU A 95 3.79 14.67 26.95
N LYS A 96 4.16 13.58 27.61
CA LYS A 96 4.14 13.46 29.06
C LYS A 96 5.57 13.24 29.55
N ASP A 97 5.75 13.07 30.86
CA ASP A 97 7.07 12.77 31.40
C ASP A 97 7.59 11.46 30.82
N ARG A 98 6.68 10.50 30.67
CA ARG A 98 6.97 9.17 30.10
C ARG A 98 5.93 8.88 29.01
N ASN A 99 6.42 8.57 27.81
CA ASN A 99 5.60 8.29 26.63
C ASN A 99 6.00 6.93 26.08
N LEU A 100 5.01 6.10 25.79
CA LEU A 100 5.25 4.81 25.17
C LEU A 100 4.20 4.65 24.07
N TRP A 101 4.69 4.56 22.83
CA TRP A 101 3.85 4.49 21.65
C TRP A 101 4.11 3.19 20.88
N PHE A 102 3.04 2.59 20.34
CA PHE A 102 3.14 1.48 19.40
C PHE A 102 3.02 2.00 17.96
N LEU A 103 3.78 1.39 17.04
CA LEU A 103 3.54 1.52 15.59
C LEU A 103 2.96 0.19 15.10
N VAL A 104 1.74 0.29 14.57
CA VAL A 104 1.02 -0.90 14.13
C VAL A 104 0.45 -0.71 12.72
N GLY A 105 0.03 -1.80 12.09
CA GLY A 105 -0.49 -1.75 10.74
C GLY A 105 -0.19 -2.96 9.89
N LEU A 106 -0.59 -2.86 8.64
CA LEU A 106 -0.44 -3.92 7.67
C LEU A 106 1.02 -4.10 7.27
N GLN A 107 1.30 -5.30 6.80
CA GLN A 107 2.59 -5.64 6.19
C GLN A 107 3.01 -4.63 5.13
N GLY A 108 4.16 -3.98 5.36
CA GLY A 108 4.78 -3.15 4.34
C GLY A 108 4.44 -1.67 4.43
N SER A 109 3.59 -1.29 5.37
CA SER A 109 3.08 0.08 5.45
C SER A 109 4.11 1.16 5.82
N GLY A 110 5.23 0.81 6.42
CA GLY A 110 6.24 1.78 6.81
C GLY A 110 6.55 1.91 8.31
N LYS A 111 6.20 0.91 9.11
CA LYS A 111 6.24 1.03 10.56
C LYS A 111 7.64 1.18 11.14
N THR A 112 8.56 0.35 10.67
CA THR A 112 9.91 0.28 11.21
C THR A 112 10.64 1.59 10.89
N THR A 113 10.49 2.04 9.66
CA THR A 113 11.04 3.31 9.22
C THR A 113 10.46 4.45 10.02
N THR A 114 9.14 4.40 10.23
CA THR A 114 8.46 5.45 10.96
C THR A 114 8.87 5.52 12.44
N ALA A 115 9.13 4.37 13.03
CA ALA A 115 9.62 4.34 14.42
C ALA A 115 10.94 5.10 14.52
N ALA A 116 11.84 4.88 13.56
CA ALA A 116 13.13 5.55 13.57
C ALA A 116 13.00 7.05 13.26
N LYS A 117 12.12 7.41 12.34
CA LYS A 117 11.82 8.81 12.06
C LYS A 117 11.29 9.55 13.29
N LEU A 118 10.38 8.92 14.02
CA LEU A 118 9.83 9.52 15.24
C LEU A 118 10.94 9.68 16.28
N ALA A 119 11.84 8.70 16.36
CA ALA A 119 12.94 8.78 17.30
C ALA A 119 13.83 9.99 16.99
N LEU A 120 14.16 10.17 15.71
CA LEU A 120 14.99 11.29 15.29
C LEU A 120 14.29 12.64 15.51
N TYR A 121 13.01 12.69 15.16
CA TYR A 121 12.22 13.91 15.27
C TYR A 121 12.20 14.39 16.72
N TYR A 122 11.88 13.47 17.63
CA TYR A 122 11.75 13.83 19.05
C TYR A 122 13.07 13.95 19.81
N LYS A 123 14.13 13.26 19.36
CA LYS A 123 15.47 13.52 19.86
C LYS A 123 15.87 14.99 19.65
N GLY A 124 15.52 15.53 18.50
CA GLY A 124 15.79 16.91 18.17
C GLY A 124 14.91 17.92 18.92
N LYS A 125 13.89 17.43 19.63
CA LYS A 125 13.05 18.25 20.50
C LYS A 125 13.18 17.87 21.97
N GLY A 126 14.39 17.48 22.35
CA GLY A 126 14.74 17.28 23.74
C GLY A 126 14.34 15.98 24.40
N ARG A 127 13.73 15.05 23.67
CA ARG A 127 13.41 13.75 24.24
C ARG A 127 14.59 12.80 24.14
N ARG A 128 14.53 11.74 24.92
CA ARG A 128 15.51 10.68 24.91
C ARG A 128 14.78 9.39 24.53
N PRO A 129 14.66 9.09 23.24
CA PRO A 129 13.92 7.90 22.82
C PRO A 129 14.64 6.59 23.03
N LEU A 130 13.82 5.53 23.07
CA LEU A 130 14.27 4.15 23.06
C LEU A 130 13.44 3.43 22.02
N LEU A 131 14.09 2.80 21.07
CA LEU A 131 13.42 1.99 20.08
C LEU A 131 13.28 0.56 20.61
N VAL A 132 12.14 -0.08 20.34
CA VAL A 132 11.90 -1.46 20.76
C VAL A 132 11.52 -2.28 19.52
N ALA A 133 12.37 -3.24 19.17
CA ALA A 133 12.19 -4.08 18.00
C ALA A 133 11.42 -5.32 18.43
N ALA A 134 10.10 -5.22 18.35
CA ALA A 134 9.21 -6.28 18.80
C ALA A 134 8.69 -7.18 17.68
N ASP A 135 9.17 -6.99 16.45
CA ASP A 135 8.88 -7.89 15.33
C ASP A 135 9.90 -9.04 15.34
N THR A 136 9.48 -10.22 15.77
CA THR A 136 10.34 -11.41 15.80
C THR A 136 10.03 -12.44 14.70
N GLN A 137 9.14 -12.11 13.76
CA GLN A 137 8.76 -13.04 12.70
C GLN A 137 9.40 -12.74 11.33
N ARG A 138 9.52 -11.47 10.96
CA ARG A 138 10.07 -11.10 9.65
C ARG A 138 11.60 -11.25 9.69
N PRO A 139 12.18 -11.97 8.73
CA PRO A 139 13.64 -12.17 8.73
C PRO A 139 14.38 -10.83 8.67
N ALA A 140 15.36 -10.68 9.54
CA ALA A 140 16.18 -9.50 9.64
C ALA A 140 15.44 -8.22 10.10
N ALA A 141 14.29 -8.39 10.77
CA ALA A 141 13.48 -7.27 11.23
C ALA A 141 14.17 -6.50 12.34
N ARG A 142 14.73 -7.24 13.30
CA ARG A 142 15.42 -6.63 14.42
C ARG A 142 16.73 -5.97 13.99
N GLU A 143 17.44 -6.59 13.06
CA GLU A 143 18.65 -5.98 12.48
C GLU A 143 18.29 -4.70 11.77
N GLN A 144 17.17 -4.71 11.02
CA GLN A 144 16.75 -3.51 10.32
C GLN A 144 16.62 -2.34 11.31
N LEU A 145 15.95 -2.56 12.43
CA LEU A 145 15.68 -1.47 13.37
C LEU A 145 16.96 -1.10 14.13
N ARG A 146 17.76 -2.10 14.46
CA ARG A 146 19.09 -1.87 15.05
C ARG A 146 19.90 -0.92 14.17
N LEU A 147 19.94 -1.17 12.86
CA LEU A 147 20.72 -0.38 11.93
C LEU A 147 20.16 1.06 11.83
N LEU A 148 18.84 1.21 11.84
CA LEU A 148 18.23 2.54 11.83
C LEU A 148 18.56 3.30 13.10
N GLY A 149 18.53 2.59 14.24
CA GLY A 149 18.83 3.17 15.52
C GLY A 149 20.23 3.74 15.57
N GLU A 150 21.19 2.98 15.04
CA GLU A 150 22.57 3.41 14.92
C GLU A 150 22.66 4.68 14.09
N LYS A 151 21.95 4.71 12.97
CA LYS A 151 21.91 5.88 12.10
C LYS A 151 21.36 7.12 12.80
N VAL A 152 20.32 6.97 13.63
CA VAL A 152 19.69 8.13 14.26
C VAL A 152 20.25 8.44 15.66
N GLY A 153 21.16 7.61 16.15
CA GLY A 153 21.75 7.81 17.47
C GLY A 153 20.80 7.53 18.62
N VAL A 154 20.01 6.46 18.49
CA VAL A 154 19.04 6.06 19.50
C VAL A 154 19.18 4.55 19.79
N PRO A 155 19.22 4.15 21.06
CA PRO A 155 19.31 2.72 21.41
C PRO A 155 18.08 1.90 21.00
N VAL A 156 18.32 0.61 20.80
CA VAL A 156 17.30 -0.33 20.34
C VAL A 156 17.36 -1.55 21.24
N LEU A 157 16.29 -1.76 21.99
CA LEU A 157 16.12 -2.98 22.77
C LEU A 157 15.41 -3.96 21.87
N GLU A 158 16.00 -5.14 21.70
CA GLU A 158 15.45 -6.16 20.84
C GLU A 158 14.74 -7.24 21.63
N VAL A 159 13.51 -7.52 21.26
CA VAL A 159 12.72 -8.57 21.87
C VAL A 159 13.25 -9.93 21.41
N MET A 160 13.25 -10.91 22.31
CA MET A 160 13.71 -12.26 22.00
C MET A 160 12.56 -13.10 21.48
N ASP A 161 12.87 -14.08 20.64
CA ASP A 161 11.88 -15.05 20.16
C ASP A 161 11.17 -15.66 21.38
N GLY A 162 9.85 -15.72 21.32
CA GLY A 162 9.05 -16.32 22.37
C GLY A 162 8.84 -15.50 23.64
N GLU A 163 9.46 -14.32 23.72
CA GLU A 163 9.44 -13.53 24.94
C GLU A 163 8.03 -13.06 25.30
N SER A 164 7.68 -13.14 26.58
CA SER A 164 6.34 -12.77 27.04
C SER A 164 6.22 -11.25 27.07
N PRO A 165 5.00 -10.73 26.98
CA PRO A 165 4.80 -9.28 27.14
C PRO A 165 5.29 -8.78 28.49
N GLU A 166 5.14 -9.59 29.54
CA GLU A 166 5.59 -9.17 30.86
C GLU A 166 7.12 -9.05 30.92
N SER A 167 7.82 -9.90 30.18
CA SER A 167 9.29 -9.86 30.16
C SER A 167 9.75 -8.64 29.37
N ILE A 168 9.04 -8.34 28.28
CA ILE A 168 9.30 -7.14 27.49
C ILE A 168 9.15 -5.91 28.37
N ARG A 169 8.08 -5.85 29.16
CA ARG A 169 7.82 -4.70 30.02
C ARG A 169 8.92 -4.48 31.05
N ARG A 170 9.28 -5.56 31.74
CA ARG A 170 10.38 -5.59 32.71
C ARG A 170 11.66 -5.00 32.09
N ARG A 171 12.07 -5.52 30.95
CA ARG A 171 13.34 -5.12 30.35
C ARG A 171 13.27 -3.69 29.84
N VAL A 172 12.12 -3.31 29.29
CA VAL A 172 11.92 -1.96 28.79
C VAL A 172 11.95 -0.99 29.94
N GLU A 173 11.24 -1.32 31.01
CA GLU A 173 11.19 -0.44 32.19
C GLU A 173 12.58 -0.25 32.81
N GLU A 174 13.38 -1.31 32.85
CA GLU A 174 14.70 -1.22 33.47
C GLU A 174 15.65 -0.38 32.61
N LYS A 175 15.66 -0.61 31.31
CA LYS A 175 16.52 0.18 30.44
C LYS A 175 16.11 1.64 30.45
N ALA A 176 14.80 1.90 30.42
CA ALA A 176 14.30 3.27 30.38
C ALA A 176 14.65 4.00 31.68
N ARG A 177 14.57 3.29 32.80
CA ARG A 177 14.88 3.91 34.10
C ARG A 177 16.37 4.23 34.21
N LEU A 178 17.22 3.26 33.89
CA LEU A 178 18.67 3.40 33.96
C LEU A 178 19.21 4.52 33.09
N GLU A 179 18.71 4.60 31.87
CA GLU A 179 19.24 5.53 30.90
C GLU A 179 18.36 6.76 30.79
N ALA A 180 17.34 6.86 31.63
CA ALA A 180 16.40 7.99 31.59
C ALA A 180 15.81 8.22 30.19
N ARG A 181 15.30 7.15 29.57
CA ARG A 181 14.63 7.25 28.28
C ARG A 181 13.17 7.56 28.54
N ASP A 182 12.65 8.59 27.88
CA ASP A 182 11.30 9.07 28.13
C ASP A 182 10.36 8.99 26.94
N LEU A 183 10.80 8.43 25.81
CA LEU A 183 9.91 8.15 24.68
C LEU A 183 10.22 6.77 24.13
N ILE A 184 9.32 5.83 24.35
CA ILE A 184 9.57 4.46 24.04
C ILE A 184 8.71 4.14 22.82
N LEU A 185 9.36 3.71 21.74
CA LEU A 185 8.71 3.51 20.46
C LEU A 185 8.78 2.04 20.11
N VAL A 186 7.62 1.38 20.11
CA VAL A 186 7.53 -0.06 19.97
C VAL A 186 7.10 -0.39 18.55
N ASP A 187 8.02 -0.95 17.79
CA ASP A 187 7.82 -1.34 16.39
C ASP A 187 7.26 -2.77 16.37
N THR A 188 6.07 -2.97 15.82
CA THR A 188 5.41 -4.27 15.81
C THR A 188 5.42 -4.82 14.40
N ALA A 189 5.29 -6.14 14.28
CA ALA A 189 5.23 -6.79 12.98
C ALA A 189 3.97 -6.37 12.21
N GLY A 190 4.08 -6.36 10.90
CA GLY A 190 2.95 -6.15 10.05
C GLY A 190 2.00 -7.32 10.23
N ARG A 191 0.70 -7.04 10.27
CA ARG A 191 -0.31 -8.09 10.40
C ARG A 191 -1.59 -7.69 9.70
N LEU A 192 -2.32 -8.68 9.21
CA LEU A 192 -3.63 -8.46 8.64
C LEU A 192 -4.62 -8.16 9.78
N GLN A 193 -5.58 -7.29 9.51
CA GLN A 193 -6.61 -6.93 10.48
C GLN A 193 -7.55 -8.09 10.83
N ILE A 194 -7.56 -9.12 9.97
CA ILE A 194 -8.40 -10.32 10.15
C ILE A 194 -7.63 -11.54 10.68
N ASP A 195 -6.35 -11.35 11.01
CA ASP A 195 -5.53 -12.40 11.60
C ASP A 195 -5.78 -12.37 13.10
N GLU A 196 -6.73 -13.17 13.55
CA GLU A 196 -7.19 -13.09 14.93
C GLU A 196 -6.13 -13.39 15.98
N PRO A 197 -5.31 -14.42 15.82
CA PRO A 197 -4.22 -14.65 16.76
C PRO A 197 -3.26 -13.48 16.85
N LEU A 198 -2.87 -12.89 15.72
CA LEU A 198 -1.90 -11.81 15.74
C LEU A 198 -2.51 -10.51 16.26
N MET A 199 -3.78 -10.30 16.00
CA MET A 199 -4.49 -9.13 16.51
C MET A 199 -4.65 -9.28 18.02
N GLY A 200 -4.91 -10.50 18.47
CA GLY A 200 -4.99 -10.81 19.90
C GLY A 200 -3.65 -10.57 20.58
N GLU A 201 -2.56 -11.01 19.95
CA GLU A 201 -1.21 -10.77 20.49
C GLU A 201 -0.94 -9.28 20.71
N LEU A 202 -1.30 -8.48 19.70
CA LEU A 202 -1.09 -7.05 19.72
C LEU A 202 -1.92 -6.39 20.83
N ALA A 203 -3.17 -6.83 21.00
CA ALA A 203 -4.03 -6.34 22.07
C ALA A 203 -3.46 -6.70 23.45
N ARG A 204 -2.90 -7.90 23.61
CA ARG A 204 -2.30 -8.28 24.88
C ARG A 204 -1.06 -7.43 25.21
N LEU A 205 -0.23 -7.17 24.20
CA LEU A 205 0.93 -6.32 24.37
C LEU A 205 0.51 -4.93 24.82
N LYS A 206 -0.59 -4.40 24.26
CA LYS A 206 -1.09 -3.09 24.66
C LYS A 206 -1.56 -3.10 26.11
N GLU A 207 -2.27 -4.16 26.48
CA GLU A 207 -2.77 -4.32 27.83
C GLU A 207 -1.62 -4.31 28.85
N VAL A 208 -0.53 -4.99 28.54
CA VAL A 208 0.59 -5.07 29.46
C VAL A 208 1.46 -3.81 29.46
N LEU A 209 1.78 -3.30 28.28
CA LEU A 209 2.72 -2.17 28.17
C LEU A 209 2.05 -0.82 28.41
N GLY A 210 0.74 -0.74 28.21
CA GLY A 210 -0.02 0.47 28.44
C GLY A 210 0.41 1.70 27.64
N PRO A 211 0.52 1.57 26.32
CA PRO A 211 0.93 2.70 25.49
C PRO A 211 -0.06 3.86 25.62
N ASP A 212 0.45 5.08 25.62
CA ASP A 212 -0.42 6.25 25.57
C ASP A 212 -0.75 6.66 24.12
N GLU A 213 -0.04 6.12 23.13
CA GLU A 213 -0.48 6.23 21.74
C GLU A 213 -0.32 4.89 21.06
N VAL A 214 -1.28 4.55 20.19
CA VAL A 214 -1.15 3.43 19.28
C VAL A 214 -1.39 3.99 17.89
N LEU A 215 -0.31 4.06 17.11
CA LEU A 215 -0.31 4.77 15.84
C LEU A 215 -0.46 3.77 14.72
N LEU A 216 -1.58 3.87 14.01
CA LEU A 216 -1.80 3.09 12.80
C LEU A 216 -1.04 3.74 11.65
N VAL A 217 -0.04 3.03 11.16
CA VAL A 217 0.82 3.48 10.07
C VAL A 217 0.19 2.99 8.78
N LEU A 218 -0.28 3.95 8.00
CA LEU A 218 -1.11 3.71 6.80
C LEU A 218 -0.38 4.23 5.58
N ASP A 219 -0.14 3.34 4.62
CA ASP A 219 0.43 3.69 3.32
C ASP A 219 -0.55 4.58 2.57
N ALA A 220 -0.05 5.69 2.04
CA ALA A 220 -0.88 6.61 1.25
C ALA A 220 -1.53 5.97 0.04
N MET A 221 -0.97 4.91 -0.49
CA MET A 221 -1.53 4.25 -1.67
C MET A 221 -2.67 3.28 -1.32
N THR A 222 -2.95 3.10 -0.03
CA THR A 222 -4.00 2.18 0.40
C THR A 222 -5.34 2.50 -0.23
N GLY A 223 -6.03 1.46 -0.70
CA GLY A 223 -7.31 1.61 -1.37
C GLY A 223 -8.53 1.55 -0.46
N GLN A 224 -9.62 1.04 -1.01
CA GLN A 224 -10.93 0.98 -0.36
C GLN A 224 -10.93 0.26 0.97
N GLU A 225 -10.06 -0.74 1.11
CA GLU A 225 -9.98 -1.52 2.35
C GLU A 225 -9.49 -0.73 3.56
N ALA A 226 -8.99 0.49 3.35
CA ALA A 226 -8.54 1.34 4.47
C ALA A 226 -9.62 1.45 5.55
N LEU A 227 -10.89 1.52 5.16
CA LEU A 227 -12.00 1.63 6.11
C LEU A 227 -12.03 0.41 7.04
N SER A 228 -12.10 -0.78 6.47
CA SER A 228 -12.18 -1.99 7.28
C SER A 228 -10.91 -2.20 8.10
N VAL A 229 -9.75 -1.83 7.54
CA VAL A 229 -8.48 -2.01 8.23
C VAL A 229 -8.40 -1.13 9.45
N ALA A 230 -8.75 0.14 9.28
CA ALA A 230 -8.67 1.08 10.40
C ALA A 230 -9.72 0.72 11.47
N ARG A 231 -10.92 0.38 11.03
CA ARG A 231 -11.96 -0.03 11.98
C ARG A 231 -11.55 -1.24 12.84
N ALA A 232 -10.99 -2.27 12.19
CA ALA A 232 -10.58 -3.48 12.91
C ALA A 232 -9.42 -3.21 13.86
N PHE A 233 -8.42 -2.43 13.44
CA PHE A 233 -7.32 -2.09 14.35
C PHE A 233 -7.87 -1.28 15.51
N ASP A 234 -8.85 -0.41 15.24
CA ASP A 234 -9.42 0.40 16.31
C ASP A 234 -10.27 -0.45 17.31
N GLU A 235 -11.09 -1.34 16.79
CA GLU A 235 -11.98 -2.14 17.61
C GLU A 235 -11.24 -3.24 18.39
N LYS A 236 -10.26 -3.86 17.76
CA LYS A 236 -9.55 -5.02 18.32
C LYS A 236 -8.36 -4.61 19.20
N VAL A 237 -7.81 -3.44 18.95
CA VAL A 237 -6.63 -2.97 19.70
C VAL A 237 -6.87 -1.60 20.31
N GLY A 238 -7.31 -0.64 19.50
CA GLY A 238 -7.51 0.71 19.97
C GLY A 238 -6.45 1.63 19.37
N VAL A 239 -6.85 2.44 18.40
CA VAL A 239 -5.94 3.35 17.69
C VAL A 239 -6.10 4.75 18.28
N THR A 240 -5.01 5.47 18.54
CA THR A 240 -5.09 6.85 19.02
C THR A 240 -4.74 7.87 17.94
N GLY A 241 -4.14 7.42 16.86
CA GLY A 241 -3.75 8.33 15.80
C GLY A 241 -3.11 7.60 14.65
N LEU A 242 -2.82 8.33 13.58
CA LEU A 242 -2.31 7.76 12.35
C LEU A 242 -1.05 8.45 11.88
N VAL A 243 -0.26 7.70 11.11
CA VAL A 243 0.83 8.25 10.35
C VAL A 243 0.59 7.80 8.92
N LEU A 244 0.64 8.75 8.00
CA LEU A 244 0.42 8.51 6.60
C LEU A 244 1.74 8.54 5.88
N THR A 245 2.15 7.40 5.33
CA THR A 245 3.50 7.27 4.78
C THR A 245 3.51 7.32 3.27
N LYS A 246 4.71 7.51 2.73
CA LYS A 246 4.97 7.45 1.28
C LYS A 246 4.19 8.52 0.50
N LEU A 247 4.01 9.67 1.14
CA LEU A 247 3.37 10.81 0.48
C LEU A 247 4.29 11.51 -0.52
N ASP A 248 5.55 11.10 -0.60
CA ASP A 248 6.43 11.51 -1.71
C ASP A 248 6.13 10.78 -3.03
N GLY A 249 5.23 9.81 -2.98
CA GLY A 249 4.65 9.23 -4.19
C GLY A 249 3.55 10.14 -4.71
N ASP A 250 2.73 9.64 -5.64
CA ASP A 250 1.65 10.44 -6.20
C ASP A 250 0.25 9.88 -5.92
N ALA A 251 0.17 8.89 -5.02
CA ALA A 251 -1.13 8.40 -4.57
C ALA A 251 -1.87 9.56 -3.95
N ARG A 252 -3.15 9.72 -4.24
CA ARG A 252 -3.91 10.88 -3.76
C ARG A 252 -4.07 10.90 -2.24
N GLY A 253 -4.20 9.73 -1.64
CA GLY A 253 -4.24 9.60 -0.19
C GLY A 253 -5.61 9.60 0.44
N GLY A 254 -6.63 9.30 -0.34
CA GLY A 254 -8.00 9.20 0.15
C GLY A 254 -8.22 8.26 1.33
N ALA A 255 -7.38 7.22 1.46
CA ALA A 255 -7.41 6.33 2.62
C ALA A 255 -7.33 7.08 3.94
N ALA A 256 -6.62 8.20 3.97
CA ALA A 256 -6.55 9.01 5.19
C ALA A 256 -7.95 9.45 5.65
N LEU A 257 -8.80 9.81 4.70
CA LEU A 257 -10.18 10.19 5.03
C LEU A 257 -10.97 8.98 5.53
N SER A 258 -10.81 7.85 4.85
CA SER A 258 -11.47 6.62 5.29
C SER A 258 -11.12 6.32 6.73
N ALA A 259 -9.83 6.40 7.07
CA ALA A 259 -9.34 6.04 8.39
C ALA A 259 -9.80 7.02 9.47
N ARG A 260 -9.80 8.30 9.14
CA ARG A 260 -10.16 9.30 10.12
C ARG A 260 -11.67 9.30 10.35
N HIS A 261 -12.43 9.08 9.29
CA HIS A 261 -13.87 8.96 9.36
C HIS A 261 -14.32 7.88 10.34
N VAL A 262 -13.73 6.69 10.26
CA VAL A 262 -14.18 5.57 11.08
C VAL A 262 -13.57 5.55 12.50
N THR A 263 -12.42 6.17 12.71
CA THR A 263 -11.81 6.21 14.04
C THR A 263 -12.01 7.53 14.80
N GLY A 264 -12.22 8.61 14.08
CA GLY A 264 -12.25 9.93 14.67
C GLY A 264 -10.91 10.39 15.22
N LYS A 265 -9.82 9.72 14.83
CA LYS A 265 -8.52 9.99 15.43
C LYS A 265 -7.66 10.86 14.52
N PRO A 266 -6.75 11.63 15.10
CA PRO A 266 -5.90 12.53 14.30
C PRO A 266 -4.86 11.78 13.47
N ILE A 267 -4.57 12.33 12.32
CA ILE A 267 -3.42 11.94 11.52
C ILE A 267 -2.31 12.89 11.98
N TYR A 268 -1.38 12.38 12.77
CA TYR A 268 -0.37 13.21 13.40
C TYR A 268 0.72 13.65 12.43
N PHE A 269 1.20 12.71 11.63
CA PHE A 269 2.44 12.86 10.87
C PHE A 269 2.31 12.34 9.44
N ALA A 270 3.16 12.90 8.57
CA ALA A 270 3.31 12.48 7.18
C ALA A 270 4.74 12.00 6.93
N GLY A 271 4.86 10.85 6.27
CA GLY A 271 6.13 10.35 5.75
C GLY A 271 6.35 10.83 4.33
N VAL A 272 7.47 11.48 4.09
CA VAL A 272 7.75 12.16 2.84
C VAL A 272 9.09 11.74 2.22
N SER A 273 9.74 10.74 2.79
CA SER A 273 11.00 10.19 2.27
C SER A 273 11.31 8.85 2.95
N GLU A 274 12.18 8.06 2.32
N GLU A 274 12.16 8.04 2.31
CA GLU A 274 12.73 6.84 2.92
CA GLU A 274 12.70 6.85 2.97
C GLU A 274 13.67 7.19 4.08
C GLU A 274 13.57 7.24 4.16
N LYS A 275 14.25 8.39 4.06
CA LYS A 275 15.22 8.83 5.06
C LYS A 275 14.59 9.13 6.42
N PRO A 276 15.35 8.91 7.49
CA PRO A 276 14.83 9.15 8.85
C PRO A 276 14.41 10.58 9.07
N GLU A 277 14.95 11.50 8.28
CA GLU A 277 14.56 12.90 8.34
C GLU A 277 13.22 13.17 7.62
N GLY A 278 12.69 12.18 6.90
CA GLY A 278 11.50 12.37 6.07
C GLY A 278 10.18 12.27 6.80
N LEU A 279 10.03 13.08 7.85
CA LEU A 279 8.81 13.15 8.64
C LEU A 279 8.49 14.61 8.92
N GLU A 280 7.23 14.96 8.78
CA GLU A 280 6.78 16.27 9.21
C GLU A 280 5.35 16.13 9.70
N PRO A 281 4.87 17.12 10.42
CA PRO A 281 3.45 17.12 10.79
C PRO A 281 2.53 17.00 9.57
N PHE A 282 1.41 16.30 9.78
CA PHE A 282 0.36 16.21 8.79
C PHE A 282 -0.40 17.53 8.74
N TYR A 283 -0.64 18.03 7.53
CA TYR A 283 -1.36 19.29 7.28
C TYR A 283 -2.62 18.93 6.51
N PRO A 284 -3.74 18.84 7.21
CA PRO A 284 -5.04 18.53 6.58
C PRO A 284 -5.30 19.33 5.32
N GLU A 285 -4.98 20.62 5.35
CA GLU A 285 -5.12 21.51 4.21
C GLU A 285 -4.38 20.98 2.97
N ARG A 286 -3.15 20.52 3.18
CA ARG A 286 -2.37 20.05 2.04
C ARG A 286 -2.95 18.79 1.42
N LEU A 287 -3.33 17.82 2.25
CA LEU A 287 -3.89 16.59 1.73
C LEU A 287 -5.25 16.81 1.10
N ALA A 288 -6.02 17.76 1.62
CA ALA A 288 -7.31 18.09 0.99
C ALA A 288 -7.09 18.55 -0.45
N GLY A 289 -6.08 19.39 -0.66
CA GLY A 289 -5.73 19.87 -1.99
C GLY A 289 -5.24 18.78 -2.93
N ARG A 290 -4.44 17.87 -2.40
CA ARG A 290 -3.97 16.72 -3.18
C ARG A 290 -5.11 15.79 -3.57
N ILE A 291 -6.01 15.50 -2.64
CA ILE A 291 -7.14 14.63 -2.94
C ILE A 291 -8.02 15.20 -4.06
N LEU A 292 -8.20 16.52 -4.04
CA LEU A 292 -9.07 17.21 -4.98
C LEU A 292 -8.38 17.63 -6.28
N GLY A 293 -7.06 17.46 -6.36
CA GLY A 293 -6.25 17.98 -7.46
C GLY A 293 -5.90 16.95 -8.52
N ALA B 20 -24.07 -8.95 -0.32
CA ALA B 20 -23.93 -9.91 -1.46
C ALA B 20 -24.80 -9.48 -2.64
N ILE B 21 -24.30 -9.77 -3.85
CA ILE B 21 -25.03 -9.45 -5.08
C ILE B 21 -26.18 -10.44 -5.22
N PRO B 22 -27.42 -9.95 -5.31
CA PRO B 22 -28.58 -10.84 -5.43
C PRO B 22 -28.75 -11.38 -6.85
N TRP B 23 -28.06 -12.48 -7.15
CA TRP B 23 -28.20 -13.16 -8.44
C TRP B 23 -29.51 -13.94 -8.39
N GLY B 24 -30.34 -13.77 -9.41
CA GLY B 24 -31.69 -14.32 -9.44
C GLY B 24 -32.73 -13.21 -9.35
N GLY B 25 -32.42 -12.15 -8.60
CA GLY B 25 -33.31 -11.02 -8.44
C GLY B 25 -33.52 -10.21 -9.70
N ASN B 26 -34.04 -9.00 -9.54
CA ASN B 26 -34.30 -8.12 -10.70
C ASN B 26 -33.00 -7.47 -11.19
N LEU B 27 -32.96 -7.16 -12.49
CA LEU B 27 -31.77 -6.59 -13.12
C LEU B 27 -31.24 -5.32 -12.45
N GLU B 28 -32.13 -4.41 -12.06
CA GLU B 28 -31.75 -3.10 -11.52
C GLU B 28 -30.98 -3.19 -10.20
N GLU B 29 -31.36 -4.14 -9.35
CA GLU B 29 -30.74 -4.34 -8.04
C GLU B 29 -29.45 -5.18 -8.15
N VAL B 30 -29.38 -6.04 -9.17
CA VAL B 30 -28.19 -6.82 -9.43
C VAL B 30 -27.05 -5.90 -9.88
N LEU B 31 -27.39 -4.95 -10.75
CA LEU B 31 -26.40 -4.02 -11.30
C LEU B 31 -25.92 -3.04 -10.24
N GLU B 32 -26.79 -2.68 -9.29
CA GLU B 32 -26.41 -1.70 -8.26
C GLU B 32 -25.46 -2.30 -7.24
N GLU B 33 -25.70 -3.56 -6.86
CA GLU B 33 -24.81 -4.26 -5.94
C GLU B 33 -23.54 -4.73 -6.65
N LEU B 34 -23.62 -4.93 -7.97
CA LEU B 34 -22.45 -5.28 -8.76
C LEU B 34 -21.52 -4.08 -8.87
N GLU B 35 -22.11 -2.90 -9.04
CA GLU B 35 -21.36 -1.66 -9.11
C GLU B 35 -20.65 -1.43 -7.78
N MET B 36 -21.37 -1.59 -6.67
CA MET B 36 -20.81 -1.41 -5.32
C MET B 36 -19.69 -2.41 -5.06
N ALA B 37 -19.89 -3.64 -5.51
CA ALA B 37 -18.93 -4.71 -5.33
C ALA B 37 -17.63 -4.45 -6.08
N LEU B 38 -17.74 -3.89 -7.29
CA LEU B 38 -16.58 -3.65 -8.14
C LEU B 38 -15.78 -2.48 -7.60
N LEU B 39 -16.48 -1.43 -7.18
CA LEU B 39 -15.84 -0.24 -6.64
C LEU B 39 -15.17 -0.54 -5.30
N ALA B 40 -15.84 -1.33 -4.47
CA ALA B 40 -15.30 -1.75 -3.17
C ALA B 40 -14.05 -2.60 -3.37
N ALA B 41 -13.95 -3.25 -4.53
CA ALA B 41 -12.84 -4.12 -4.86
C ALA B 41 -11.64 -3.39 -5.47
N ASP B 42 -11.71 -2.05 -5.60
CA ASP B 42 -10.64 -1.23 -6.19
C ASP B 42 -10.50 -1.35 -7.74
N VAL B 43 -11.57 -1.81 -8.39
CA VAL B 43 -11.62 -1.93 -9.85
C VAL B 43 -11.56 -0.57 -10.53
N GLY B 44 -12.06 0.46 -9.86
CA GLY B 44 -11.95 1.83 -10.33
C GLY B 44 -13.12 2.24 -11.20
N LEU B 45 -13.24 3.55 -11.45
CA LEU B 45 -14.47 4.10 -12.06
C LEU B 45 -14.64 3.65 -13.50
N SER B 46 -13.58 3.82 -14.28
CA SER B 46 -13.59 3.53 -15.72
C SER B 46 -13.87 2.06 -16.06
N ALA B 47 -13.16 1.14 -15.42
CA ALA B 47 -13.36 -0.27 -15.70
C ALA B 47 -14.70 -0.75 -15.14
N THR B 48 -15.14 -0.17 -14.02
CA THR B 48 -16.43 -0.53 -13.46
C THR B 48 -17.57 -0.18 -14.43
N GLU B 49 -17.49 1.03 -14.99
CA GLU B 49 -18.49 1.55 -15.91
C GLU B 49 -18.51 0.74 -17.21
N GLU B 50 -17.32 0.32 -17.66
CA GLU B 50 -17.20 -0.51 -18.86
C GLU B 50 -17.85 -1.87 -18.64
N ILE B 51 -17.60 -2.46 -17.47
CA ILE B 51 -18.18 -3.76 -17.12
C ILE B 51 -19.69 -3.68 -17.10
N LEU B 52 -20.24 -2.65 -16.47
CA LEU B 52 -21.69 -2.51 -16.31
C LEU B 52 -22.40 -2.21 -17.63
N GLN B 53 -21.76 -1.43 -18.52
CA GLN B 53 -22.36 -1.03 -19.80
C GLN B 53 -22.51 -2.23 -20.72
N GLU B 54 -21.49 -3.08 -20.76
CA GLU B 54 -21.51 -4.33 -21.52
C GLU B 54 -22.57 -5.31 -21.01
N VAL B 55 -22.73 -5.40 -19.69
CA VAL B 55 -23.69 -6.33 -19.09
C VAL B 55 -25.12 -5.83 -19.31
N ARG B 56 -25.32 -4.52 -19.31
CA ARG B 56 -26.64 -3.92 -19.57
C ARG B 56 -27.04 -4.16 -21.03
N ALA B 57 -26.04 -4.23 -21.91
CA ALA B 57 -26.23 -4.55 -23.31
C ALA B 57 -25.80 -5.99 -23.56
N SER B 58 -26.26 -6.88 -22.67
CA SER B 58 -26.00 -8.32 -22.79
C SER B 58 -27.30 -9.03 -23.12
N GLY B 59 -28.34 -8.76 -22.31
CA GLY B 59 -29.61 -9.43 -22.47
C GLY B 59 -29.44 -10.92 -22.28
N ARG B 60 -29.22 -11.33 -21.03
CA ARG B 60 -28.99 -12.73 -20.68
C ARG B 60 -29.55 -13.07 -19.31
N LYS B 61 -30.18 -14.24 -19.20
CA LYS B 61 -30.89 -14.62 -17.98
C LYS B 61 -29.94 -15.04 -16.85
N ASP B 62 -28.83 -15.69 -17.21
CA ASP B 62 -27.82 -16.08 -16.25
C ASP B 62 -26.78 -14.97 -16.13
N LEU B 63 -27.14 -13.91 -15.43
CA LEU B 63 -26.26 -12.74 -15.27
C LEU B 63 -24.99 -13.10 -14.50
N LYS B 64 -25.10 -14.03 -13.55
CA LYS B 64 -23.96 -14.46 -12.74
C LYS B 64 -22.83 -15.01 -13.61
N GLU B 65 -23.19 -15.85 -14.57
CA GLU B 65 -22.21 -16.44 -15.49
C GLU B 65 -21.74 -15.45 -16.56
N ALA B 66 -22.58 -14.50 -16.93
CA ALA B 66 -22.23 -13.50 -17.95
C ALA B 66 -21.26 -12.46 -17.40
N VAL B 67 -21.40 -12.15 -16.12
CA VAL B 67 -20.53 -11.18 -15.47
C VAL B 67 -19.16 -11.80 -15.26
N LYS B 68 -19.14 -13.02 -14.72
CA LYS B 68 -17.91 -13.78 -14.53
C LYS B 68 -17.11 -13.85 -15.82
N GLU B 69 -17.81 -14.06 -16.94
CA GLU B 69 -17.17 -14.24 -18.25
C GLU B 69 -16.55 -12.95 -18.76
N LYS B 70 -17.19 -11.82 -18.47
CA LYS B 70 -16.67 -10.52 -18.89
C LYS B 70 -15.40 -10.16 -18.11
N LEU B 71 -15.39 -10.45 -16.82
CA LEU B 71 -14.27 -10.13 -15.95
C LEU B 71 -13.07 -11.04 -16.23
N VAL B 72 -13.35 -12.32 -16.45
CA VAL B 72 -12.30 -13.27 -16.76
C VAL B 72 -11.67 -12.96 -18.13
N GLY B 73 -12.45 -12.38 -19.04
CA GLY B 73 -11.94 -11.95 -20.33
C GLY B 73 -11.11 -10.68 -20.25
N MET B 74 -11.40 -9.84 -19.26
CA MET B 74 -10.60 -8.64 -19.01
C MET B 74 -9.22 -8.99 -18.45
N LEU B 75 -9.11 -10.14 -17.79
CA LEU B 75 -7.88 -10.55 -17.10
C LEU B 75 -6.98 -11.51 -17.88
N GLU B 76 -7.26 -11.70 -19.16
CA GLU B 76 -6.39 -12.47 -20.04
C GLU B 76 -6.05 -11.59 -21.25
N PRO B 77 -4.81 -11.08 -21.30
CA PRO B 77 -4.41 -10.19 -22.40
C PRO B 77 -4.23 -10.91 -23.74
N PRO B 96 1.51 -24.95 -14.64
CA PRO B 96 2.74 -24.36 -14.10
C PRO B 96 3.25 -23.19 -14.95
N VAL B 97 3.66 -22.13 -14.26
CA VAL B 97 4.12 -20.93 -14.92
C VAL B 97 5.57 -21.13 -15.32
N GLU B 98 5.87 -20.98 -16.61
CA GLU B 98 7.24 -21.15 -17.09
C GLU B 98 7.80 -19.80 -17.52
N PRO B 99 8.89 -19.37 -16.89
CA PRO B 99 9.55 -18.14 -17.33
C PRO B 99 10.01 -18.29 -18.77
N LYS B 100 10.07 -17.17 -19.48
CA LYS B 100 10.37 -17.18 -20.90
C LYS B 100 11.89 -17.33 -21.14
N GLY B 101 12.67 -17.14 -20.08
CA GLY B 101 14.11 -17.33 -20.13
C GLY B 101 14.66 -17.63 -18.75
N ARG B 102 15.93 -17.31 -18.56
CA ARG B 102 16.65 -17.64 -17.35
C ARG B 102 16.62 -16.56 -16.27
N VAL B 103 16.53 -15.29 -16.66
CA VAL B 103 16.60 -14.19 -15.69
C VAL B 103 15.26 -13.47 -15.54
N VAL B 104 14.86 -13.27 -14.28
CA VAL B 104 13.63 -12.59 -13.89
C VAL B 104 13.99 -11.38 -13.01
N LEU B 105 13.73 -10.18 -13.52
CA LEU B 105 13.94 -8.95 -12.79
C LEU B 105 12.65 -8.60 -12.06
N VAL B 106 12.73 -8.48 -10.73
CA VAL B 106 11.55 -8.22 -9.91
C VAL B 106 11.59 -6.75 -9.41
N VAL B 107 10.50 -6.02 -9.70
CA VAL B 107 10.42 -4.58 -9.51
C VAL B 107 9.13 -4.23 -8.80
N GLY B 108 9.10 -3.06 -8.19
CA GLY B 108 7.92 -2.57 -7.49
C GLY B 108 8.26 -1.52 -6.46
N VAL B 109 7.22 -0.85 -5.98
CA VAL B 109 7.40 0.23 -5.03
C VAL B 109 7.71 -0.32 -3.64
N ASN B 110 8.12 0.58 -2.76
CA ASN B 110 8.52 0.24 -1.40
C ASN B 110 7.42 -0.51 -0.63
N GLY B 111 7.76 -1.66 -0.06
CA GLY B 111 6.86 -2.35 0.84
C GLY B 111 5.95 -3.43 0.25
N VAL B 112 5.87 -3.52 -1.07
CA VAL B 112 4.89 -4.38 -1.75
C VAL B 112 5.02 -5.90 -1.58
N GLY B 113 6.22 -6.39 -1.30
CA GLY B 113 6.45 -7.82 -1.18
C GLY B 113 7.48 -8.45 -2.09
N LYS B 114 8.36 -7.65 -2.70
CA LYS B 114 9.36 -8.15 -3.67
C LYS B 114 10.26 -9.26 -3.14
N THR B 115 10.90 -9.01 -2.01
CA THR B 115 11.94 -9.89 -1.48
C THR B 115 11.33 -11.24 -1.07
N THR B 116 10.19 -11.18 -0.38
CA THR B 116 9.45 -12.36 0.05
C THR B 116 8.92 -13.15 -1.13
N THR B 117 8.49 -12.45 -2.19
CA THR B 117 7.97 -13.08 -3.38
C THR B 117 9.06 -13.84 -4.11
N ILE B 118 10.26 -13.28 -4.12
CA ILE B 118 11.43 -13.98 -4.68
C ILE B 118 11.70 -15.29 -3.91
N ALA B 119 11.68 -15.22 -2.59
CA ALA B 119 11.80 -16.42 -1.75
C ALA B 119 10.77 -17.49 -2.16
N LYS B 120 9.51 -17.08 -2.30
CA LYS B 120 8.45 -17.99 -2.69
C LYS B 120 8.67 -18.53 -4.10
N LEU B 121 9.19 -17.70 -4.98
CA LEU B 121 9.45 -18.13 -6.36
C LEU B 121 10.54 -19.21 -6.39
N GLY B 122 11.56 -19.05 -5.55
CA GLY B 122 12.59 -20.04 -5.39
C GLY B 122 12.05 -21.38 -4.91
N ARG B 123 11.14 -21.35 -3.96
CA ARG B 123 10.51 -22.56 -3.45
C ARG B 123 9.68 -23.22 -4.55
N TYR B 124 8.89 -22.42 -5.25
CA TYR B 124 8.05 -22.90 -6.33
C TYR B 124 8.87 -23.60 -7.42
N TYR B 125 9.94 -22.97 -7.86
CA TYR B 125 10.73 -23.52 -8.96
C TYR B 125 11.66 -24.65 -8.54
N GLN B 126 12.17 -24.62 -7.32
CA GLN B 126 12.99 -25.72 -6.81
C GLN B 126 12.10 -26.97 -6.65
N ASN B 127 10.83 -26.77 -6.33
CA ASN B 127 9.89 -27.87 -6.25
C ASN B 127 9.65 -28.52 -7.61
N LEU B 128 9.89 -27.77 -8.69
CA LEU B 128 9.74 -28.27 -10.05
C LEU B 128 11.06 -28.79 -10.63
N GLY B 129 12.11 -28.84 -9.81
CA GLY B 129 13.38 -29.40 -10.20
C GLY B 129 14.35 -28.43 -10.84
N LYS B 130 14.07 -27.13 -10.75
CA LYS B 130 14.98 -26.14 -11.31
C LYS B 130 16.08 -25.83 -10.32
N LYS B 131 17.24 -25.51 -10.87
CA LYS B 131 18.37 -25.01 -10.13
C LYS B 131 18.24 -23.47 -10.10
N VAL B 132 17.87 -22.94 -8.95
CA VAL B 132 17.55 -21.51 -8.80
C VAL B 132 18.63 -20.79 -8.00
N MET B 133 18.88 -19.54 -8.37
CA MET B 133 19.69 -18.63 -7.57
C MET B 133 19.05 -17.25 -7.50
N PHE B 134 19.45 -16.46 -6.51
CA PHE B 134 18.96 -15.11 -6.28
C PHE B 134 20.12 -14.13 -6.38
N CYS B 135 19.81 -12.90 -6.75
CA CYS B 135 20.74 -11.79 -6.65
C CYS B 135 20.12 -10.72 -5.74
N ALA B 136 20.84 -10.38 -4.67
CA ALA B 136 20.35 -9.45 -3.65
C ALA B 136 20.66 -8.06 -4.10
N GLY B 137 19.88 -7.62 -5.09
CA GLY B 137 20.11 -6.39 -5.77
C GLY B 137 19.67 -5.16 -4.99
N ASP B 138 18.94 -5.36 -3.91
CA ASP B 138 18.67 -4.27 -2.96
C ASP B 138 19.91 -4.05 -2.10
N THR B 139 20.79 -3.16 -2.56
CA THR B 139 21.97 -2.78 -1.79
C THR B 139 21.78 -1.42 -1.07
N PHE B 140 20.55 -0.91 -1.05
CA PHE B 140 20.25 0.43 -0.53
C PHE B 140 19.65 0.42 0.90
N ARG B 141 18.53 -0.27 1.06
CA ARG B 141 17.78 -0.28 2.33
C ARG B 141 18.45 -1.15 3.39
N ALA B 142 18.31 -0.73 4.66
CA ALA B 142 18.88 -1.45 5.81
C ALA B 142 18.37 -2.88 5.83
N ALA B 143 19.28 -3.85 5.86
CA ALA B 143 18.96 -5.27 5.96
C ALA B 143 18.21 -5.87 4.75
N GLY B 144 18.22 -5.17 3.61
CA GLY B 144 17.60 -5.69 2.40
C GLY B 144 18.27 -6.99 1.98
N GLY B 145 19.59 -6.89 1.86
CA GLY B 145 20.40 -8.04 1.48
C GLY B 145 20.30 -9.17 2.47
N THR B 146 20.38 -8.83 3.76
CA THR B 146 20.32 -9.80 4.85
C THR B 146 19.02 -10.59 4.84
N GLN B 147 17.92 -9.90 4.58
CA GLN B 147 16.61 -10.50 4.55
C GLN B 147 16.56 -11.59 3.47
N LEU B 148 17.02 -11.26 2.27
CA LEU B 148 17.02 -12.20 1.16
C LEU B 148 18.01 -13.35 1.43
N SER B 149 19.13 -13.02 2.07
CA SER B 149 20.18 -13.99 2.40
C SER B 149 19.65 -15.04 3.37
N GLU B 150 18.84 -14.59 4.32
CA GLU B 150 18.23 -15.50 5.27
C GLU B 150 17.24 -16.43 4.59
N TRP B 151 16.46 -15.92 3.62
CA TRP B 151 15.58 -16.79 2.85
C TRP B 151 16.41 -17.84 2.08
N GLY B 152 17.51 -17.39 1.47
CA GLY B 152 18.35 -18.28 0.68
C GLY B 152 18.88 -19.42 1.52
N LYS B 153 19.30 -19.14 2.76
CA LYS B 153 19.77 -20.19 3.67
C LYS B 153 18.68 -21.18 4.01
N ARG B 154 17.50 -20.66 4.34
CA ARG B 154 16.36 -21.51 4.67
C ARG B 154 15.96 -22.40 3.51
N LEU B 155 16.07 -21.88 2.29
CA LEU B 155 15.62 -22.59 1.09
C LEU B 155 16.74 -23.39 0.38
N SER B 156 17.98 -23.29 0.86
CA SER B 156 19.14 -23.86 0.16
C SER B 156 19.23 -23.32 -1.26
N ILE B 157 19.08 -22.00 -1.39
CA ILE B 157 19.22 -21.30 -2.66
C ILE B 157 20.34 -20.29 -2.51
N PRO B 158 21.33 -20.32 -3.40
CA PRO B 158 22.43 -19.36 -3.33
C PRO B 158 21.99 -17.93 -3.65
N VAL B 159 22.63 -16.98 -2.99
CA VAL B 159 22.35 -15.56 -3.12
C VAL B 159 23.64 -14.84 -3.45
N ILE B 160 23.69 -14.16 -4.60
CA ILE B 160 24.79 -13.28 -4.95
C ILE B 160 24.56 -11.96 -4.23
N GLN B 161 25.52 -11.56 -3.41
CA GLN B 161 25.42 -10.35 -2.59
C GLN B 161 26.65 -9.48 -2.75
N GLY B 162 26.50 -8.21 -2.42
CA GLY B 162 27.62 -7.28 -2.30
C GLY B 162 27.53 -6.38 -1.05
N PRO B 163 28.57 -5.60 -0.81
CA PRO B 163 28.56 -4.64 0.32
C PRO B 163 27.45 -3.61 0.14
N GLU B 164 26.95 -3.06 1.23
CA GLU B 164 25.99 -1.95 1.15
C GLU B 164 26.55 -0.83 0.25
N GLY B 165 25.67 -0.24 -0.55
CA GLY B 165 26.05 0.83 -1.44
C GLY B 165 26.65 0.35 -2.75
N THR B 166 26.96 -0.94 -2.87
CA THR B 166 27.48 -1.45 -4.14
C THR B 166 26.47 -1.21 -5.26
N ASP B 167 27.00 -0.96 -6.46
CA ASP B 167 26.17 -0.70 -7.61
C ASP B 167 25.36 -1.99 -7.91
N PRO B 168 24.04 -1.91 -7.83
CA PRO B 168 23.21 -3.08 -8.14
C PRO B 168 23.36 -3.55 -9.59
N ALA B 169 23.64 -2.66 -10.54
CA ALA B 169 23.83 -3.07 -11.93
C ALA B 169 25.05 -3.98 -12.09
N ALA B 170 26.18 -3.59 -11.47
CA ALA B 170 27.39 -4.41 -11.49
C ALA B 170 27.16 -5.77 -10.81
N LEU B 171 26.41 -5.77 -9.72
CA LEU B 171 26.09 -7.01 -9.02
C LEU B 171 25.23 -7.94 -9.90
N ALA B 172 24.23 -7.39 -10.58
CA ALA B 172 23.34 -8.20 -11.42
C ALA B 172 24.10 -8.80 -12.57
N TYR B 173 24.97 -8.00 -13.19
CA TYR B 173 25.87 -8.49 -14.24
C TYR B 173 26.68 -9.69 -13.76
N ASP B 174 27.24 -9.59 -12.54
CA ASP B 174 28.04 -10.66 -11.94
C ASP B 174 27.19 -11.89 -11.71
N ALA B 175 25.96 -11.69 -11.23
CA ALA B 175 25.08 -12.82 -10.93
C ALA B 175 24.71 -13.55 -12.21
N VAL B 176 24.49 -12.82 -13.29
CA VAL B 176 24.14 -13.44 -14.57
C VAL B 176 25.33 -14.23 -15.13
N GLN B 177 26.54 -13.72 -14.98
CA GLN B 177 27.74 -14.47 -15.43
C GLN B 177 27.96 -15.73 -14.57
N ALA B 178 27.68 -15.67 -13.27
CA ALA B 178 27.71 -16.88 -12.44
C ALA B 178 26.61 -17.88 -12.85
N MET B 179 25.40 -17.40 -13.08
CA MET B 179 24.31 -18.23 -13.58
C MET B 179 24.75 -19.01 -14.84
N LYS B 180 25.39 -18.30 -15.78
CA LYS B 180 25.82 -18.89 -17.04
C LYS B 180 26.92 -19.91 -16.80
N ALA B 181 27.95 -19.51 -16.06
CA ALA B 181 29.14 -20.35 -15.85
C ALA B 181 28.79 -21.60 -15.06
N ARG B 182 27.89 -21.47 -14.09
CA ARG B 182 27.53 -22.57 -13.20
C ARG B 182 26.32 -23.38 -13.66
N GLY B 183 25.70 -22.97 -14.76
CA GLY B 183 24.59 -23.71 -15.33
C GLY B 183 23.29 -23.67 -14.57
N TYR B 184 23.00 -22.53 -13.93
CA TYR B 184 21.73 -22.38 -13.21
C TYR B 184 20.58 -22.16 -14.20
N ASP B 185 19.40 -22.68 -13.85
CA ASP B 185 18.21 -22.57 -14.71
C ASP B 185 17.55 -21.19 -14.60
N LEU B 186 17.51 -20.65 -13.39
CA LEU B 186 16.77 -19.41 -13.11
C LEU B 186 17.50 -18.54 -12.10
N LEU B 187 17.59 -17.25 -12.42
CA LEU B 187 18.13 -16.23 -11.55
C LEU B 187 17.05 -15.19 -11.32
N PHE B 188 16.70 -14.95 -10.06
CA PHE B 188 15.78 -13.90 -9.68
C PHE B 188 16.55 -12.73 -9.10
N VAL B 189 16.38 -11.56 -9.73
CA VAL B 189 17.07 -10.35 -9.32
C VAL B 189 16.13 -9.46 -8.49
N ASP B 190 16.38 -9.40 -7.19
CA ASP B 190 15.68 -8.49 -6.29
C ASP B 190 16.12 -7.05 -6.60
N THR B 191 15.23 -6.09 -6.38
CA THR B 191 15.58 -4.67 -6.51
C THR B 191 15.09 -3.93 -5.29
N ALA B 192 15.76 -2.83 -4.98
CA ALA B 192 15.33 -1.99 -3.89
C ALA B 192 13.96 -1.45 -4.20
N GLY B 193 13.14 -1.31 -3.18
CA GLY B 193 11.89 -0.59 -3.32
C GLY B 193 12.19 0.81 -3.82
N ARG B 194 11.35 1.31 -4.71
CA ARG B 194 11.49 2.68 -5.21
C ARG B 194 10.12 3.22 -5.57
N LEU B 195 9.92 4.52 -5.43
CA LEU B 195 8.70 5.11 -5.92
C LEU B 195 8.83 5.44 -7.42
N HIS B 196 7.77 5.16 -8.13
CA HIS B 196 7.74 5.35 -9.57
C HIS B 196 7.79 6.82 -9.98
N THR B 197 7.59 7.74 -9.04
CA THR B 197 7.71 9.19 -9.26
C THR B 197 9.15 9.73 -9.20
N LYS B 198 10.11 8.86 -8.87
CA LYS B 198 11.49 9.27 -8.72
C LYS B 198 12.24 8.84 -9.97
N HIS B 199 12.37 9.79 -10.90
CA HIS B 199 12.97 9.53 -12.20
C HIS B 199 14.36 8.90 -12.09
N ASN B 200 15.17 9.37 -11.15
CA ASN B 200 16.53 8.89 -11.01
C ASN B 200 16.56 7.41 -10.61
N LEU B 201 15.59 7.02 -9.79
CA LEU B 201 15.48 5.63 -9.37
C LEU B 201 14.93 4.73 -10.46
N MET B 202 14.08 5.25 -11.32
CA MET B 202 13.65 4.49 -12.49
C MET B 202 14.80 4.31 -13.49
N GLU B 203 15.67 5.31 -13.59
CA GLU B 203 16.87 5.19 -14.43
C GLU B 203 17.81 4.11 -13.88
N GLU B 204 18.00 4.05 -12.56
CA GLU B 204 18.84 3.03 -11.94
C GLU B 204 18.32 1.64 -12.31
N LEU B 205 17.00 1.51 -12.31
CA LEU B 205 16.36 0.28 -12.67
C LEU B 205 16.62 -0.06 -14.16
N LYS B 206 16.57 0.93 -15.04
CA LYS B 206 16.96 0.70 -16.43
C LYS B 206 18.42 0.25 -16.53
N LYS B 207 19.30 0.81 -15.72
CA LYS B 207 20.71 0.42 -15.72
C LYS B 207 20.91 -1.02 -15.30
N VAL B 208 20.10 -1.50 -14.35
CA VAL B 208 20.16 -2.88 -13.92
C VAL B 208 19.75 -3.82 -15.06
N LYS B 209 18.66 -3.48 -15.75
CA LYS B 209 18.21 -4.28 -16.89
C LYS B 209 19.27 -4.32 -18.00
N ARG B 210 19.84 -3.16 -18.30
CA ARG B 210 20.88 -3.08 -19.33
C ARG B 210 22.11 -3.90 -18.95
N ALA B 211 22.45 -3.92 -17.66
CA ALA B 211 23.58 -4.70 -17.18
C ALA B 211 23.31 -6.21 -17.33
N ILE B 212 22.08 -6.61 -17.08
CA ILE B 212 21.70 -8.00 -17.30
C ILE B 212 21.88 -8.34 -18.79
N ALA B 213 21.40 -7.46 -19.67
CA ALA B 213 21.48 -7.71 -21.12
C ALA B 213 22.93 -7.66 -21.64
N LYS B 214 23.79 -6.90 -20.97
CA LYS B 214 25.22 -6.83 -21.30
C LYS B 214 25.85 -8.20 -21.02
N ALA B 215 25.44 -8.84 -19.94
CA ALA B 215 25.92 -10.17 -19.57
C ALA B 215 25.33 -11.27 -20.47
N ASP B 216 24.05 -11.11 -20.84
CA ASP B 216 23.34 -12.07 -21.68
C ASP B 216 22.30 -11.31 -22.51
N PRO B 217 22.60 -11.02 -23.78
CA PRO B 217 21.75 -10.13 -24.59
C PRO B 217 20.30 -10.58 -24.77
N GLU B 218 20.00 -11.84 -24.51
CA GLU B 218 18.62 -12.31 -24.53
C GLU B 218 17.82 -11.84 -23.30
N GLU B 219 18.52 -11.50 -22.23
CA GLU B 219 17.92 -11.37 -20.91
C GLU B 219 17.77 -9.91 -20.47
N PRO B 220 16.90 -9.62 -19.51
CA PRO B 220 16.03 -10.59 -18.84
C PRO B 220 14.75 -10.82 -19.64
N LYS B 221 14.33 -12.07 -19.76
CA LYS B 221 13.13 -12.39 -20.54
C LYS B 221 11.85 -12.20 -19.72
N GLU B 222 11.98 -12.02 -18.41
CA GLU B 222 10.84 -11.67 -17.55
C GLU B 222 11.21 -10.46 -16.70
N VAL B 223 10.29 -9.50 -16.68
CA VAL B 223 10.35 -8.34 -15.78
C VAL B 223 8.98 -8.32 -15.10
N TRP B 224 8.96 -8.66 -13.82
CA TRP B 224 7.71 -8.83 -13.08
C TRP B 224 7.54 -7.76 -12.02
N LEU B 225 6.43 -7.04 -12.14
CA LEU B 225 6.00 -6.05 -11.17
C LEU B 225 5.29 -6.74 -10.02
N VAL B 226 5.63 -6.34 -8.81
CA VAL B 226 4.95 -6.82 -7.63
C VAL B 226 4.00 -5.69 -7.17
N LEU B 227 2.73 -6.06 -6.97
N LEU B 227 2.73 -6.06 -7.00
CA LEU B 227 1.67 -5.13 -6.58
CA LEU B 227 1.69 -5.15 -6.54
C LEU B 227 0.97 -5.65 -5.31
C LEU B 227 1.08 -5.69 -5.26
N ASP B 228 0.90 -4.81 -4.29
CA ASP B 228 0.25 -5.13 -3.03
C ASP B 228 -1.27 -5.06 -3.28
N ALA B 229 -2.00 -6.10 -2.92
CA ALA B 229 -3.47 -6.20 -3.19
C ALA B 229 -4.29 -5.06 -2.60
N VAL B 230 -3.81 -4.49 -1.50
CA VAL B 230 -4.55 -3.43 -0.80
C VAL B 230 -4.48 -2.07 -1.52
N THR B 231 -3.55 -1.97 -2.48
CA THR B 231 -3.36 -0.77 -3.28
C THR B 231 -4.63 -0.37 -4.03
N GLY B 232 -4.93 0.92 -4.02
CA GLY B 232 -6.00 1.49 -4.83
C GLY B 232 -5.55 1.84 -6.25
N GLN B 233 -6.12 2.90 -6.76
CA GLN B 233 -5.94 3.32 -8.14
C GLN B 233 -4.48 3.69 -8.48
N ASN B 234 -3.66 4.02 -7.49
CA ASN B 234 -2.24 4.23 -7.73
C ASN B 234 -1.53 3.00 -8.33
N GLY B 235 -2.11 1.82 -8.15
CA GLY B 235 -1.57 0.60 -8.73
C GLY B 235 -1.43 0.70 -10.24
N LEU B 236 -2.40 1.34 -10.88
CA LEU B 236 -2.36 1.49 -12.34
C LEU B 236 -1.22 2.42 -12.75
N GLU B 237 -1.02 3.50 -12.00
CA GLU B 237 0.06 4.44 -12.25
C GLU B 237 1.43 3.76 -12.03
N GLN B 238 1.55 2.94 -11.00
CA GLN B 238 2.76 2.16 -10.75
C GLN B 238 3.07 1.25 -11.95
N ALA B 239 2.06 0.52 -12.42
CA ALA B 239 2.23 -0.42 -13.52
C ALA B 239 2.65 0.33 -14.78
N LYS B 240 2.00 1.46 -15.07
CA LYS B 240 2.28 2.24 -16.27
C LYS B 240 3.73 2.73 -16.28
N LYS B 241 4.21 3.24 -15.14
CA LYS B 241 5.54 3.80 -15.03
C LYS B 241 6.66 2.74 -14.99
N PHE B 242 6.46 1.64 -14.27
CA PHE B 242 7.41 0.53 -14.35
C PHE B 242 7.46 -0.06 -15.78
N HIS B 243 6.30 -0.19 -16.41
CA HIS B 243 6.22 -0.67 -17.79
C HIS B 243 6.98 0.25 -18.77
N GLU B 244 6.77 1.57 -18.66
CA GLU B 244 7.51 2.55 -19.45
C GLU B 244 9.03 2.47 -19.26
N ALA B 245 9.48 2.17 -18.04
CA ALA B 245 10.89 2.16 -17.72
C ALA B 245 11.59 0.90 -18.23
N VAL B 246 11.04 -0.28 -17.95
CA VAL B 246 11.75 -1.52 -18.18
C VAL B 246 10.93 -2.60 -18.92
N GLY B 247 9.66 -2.30 -19.27
CA GLY B 247 8.83 -3.25 -20.00
C GLY B 247 8.44 -4.50 -19.23
N LEU B 248 7.28 -4.45 -18.59
CA LEU B 248 6.80 -5.57 -17.80
C LEU B 248 6.35 -6.69 -18.73
N THR B 249 6.58 -7.93 -18.30
CA THR B 249 6.02 -9.13 -18.94
C THR B 249 5.08 -9.87 -18.02
N GLY B 250 4.92 -9.37 -16.79
CA GLY B 250 4.07 -10.01 -15.82
C GLY B 250 3.87 -9.18 -14.57
N VAL B 251 2.81 -9.52 -13.83
CA VAL B 251 2.50 -8.92 -12.53
C VAL B 251 2.24 -10.04 -11.52
N ILE B 252 2.74 -9.86 -10.29
CA ILE B 252 2.42 -10.71 -9.14
C ILE B 252 1.70 -9.87 -8.09
N VAL B 253 0.53 -10.31 -7.67
CA VAL B 253 -0.22 -9.60 -6.66
C VAL B 253 -0.04 -10.30 -5.32
N THR B 254 0.46 -9.55 -4.34
CA THR B 254 0.72 -10.10 -3.01
C THR B 254 -0.39 -9.73 -2.03
N LYS B 255 -0.39 -10.42 -0.90
CA LYS B 255 -1.22 -10.11 0.24
C LYS B 255 -2.70 -10.29 -0.08
N LEU B 256 -2.99 -11.21 -1.00
CA LEU B 256 -4.37 -11.53 -1.33
C LEU B 256 -5.01 -12.42 -0.24
N ASP B 257 -4.24 -12.85 0.75
CA ASP B 257 -4.80 -13.44 1.97
C ASP B 257 -5.52 -12.41 2.83
N GLY B 258 -5.31 -11.12 2.53
CA GLY B 258 -6.07 -10.06 3.16
C GLY B 258 -7.47 -9.94 2.62
N THR B 259 -8.20 -8.92 3.08
CA THR B 259 -9.57 -8.67 2.63
C THR B 259 -9.66 -7.92 1.30
N ALA B 260 -8.59 -7.24 0.91
CA ALA B 260 -8.57 -6.54 -0.36
C ALA B 260 -8.66 -7.55 -1.50
N LYS B 261 -9.38 -7.15 -2.55
CA LYS B 261 -9.65 -8.02 -3.68
C LYS B 261 -8.61 -7.95 -4.80
N GLY B 262 -7.77 -6.92 -4.80
CA GLY B 262 -6.80 -6.68 -5.87
C GLY B 262 -7.38 -6.23 -7.19
N GLY B 263 -8.52 -5.54 -7.14
CA GLY B 263 -9.29 -5.20 -8.32
C GLY B 263 -8.60 -4.27 -9.31
N VAL B 264 -7.60 -3.51 -8.86
CA VAL B 264 -6.89 -2.59 -9.75
C VAL B 264 -6.14 -3.37 -10.84
N LEU B 265 -5.95 -4.68 -10.62
CA LEU B 265 -5.45 -5.56 -11.66
C LEU B 265 -6.29 -5.51 -12.93
N ILE B 266 -7.60 -5.36 -12.79
CA ILE B 266 -8.46 -5.27 -13.98
C ILE B 266 -8.10 -4.11 -14.93
N PRO B 267 -8.08 -2.84 -14.48
CA PRO B 267 -7.58 -1.75 -15.34
C PRO B 267 -6.12 -1.92 -15.77
N ILE B 268 -5.28 -2.53 -14.94
CA ILE B 268 -3.88 -2.78 -15.32
C ILE B 268 -3.80 -3.72 -16.54
N VAL B 269 -4.47 -4.85 -16.49
CA VAL B 269 -4.43 -5.81 -17.58
C VAL B 269 -5.11 -5.22 -18.82
N ARG B 270 -6.21 -4.50 -18.64
CA ARG B 270 -6.91 -3.85 -19.75
C ARG B 270 -6.05 -2.81 -20.45
N THR B 271 -5.32 -2.02 -19.67
CA THR B 271 -4.55 -0.91 -20.21
C THR B 271 -3.23 -1.40 -20.81
N LEU B 272 -2.52 -2.24 -20.07
CA LEU B 272 -1.15 -2.58 -20.43
C LEU B 272 -1.03 -3.93 -21.10
N LYS B 273 -2.05 -4.77 -20.97
CA LYS B 273 -2.08 -6.10 -21.56
C LYS B 273 -0.97 -7.00 -21.00
N VAL B 274 -0.64 -6.79 -19.73
CA VAL B 274 0.38 -7.54 -19.03
C VAL B 274 -0.37 -8.65 -18.24
N PRO B 275 0.04 -9.90 -18.37
CA PRO B 275 -0.61 -11.00 -17.67
C PRO B 275 -0.28 -11.07 -16.17
N ILE B 276 -1.23 -11.56 -15.37
CA ILE B 276 -1.01 -11.83 -13.96
C ILE B 276 -0.44 -13.24 -13.83
N LYS B 277 0.71 -13.36 -13.15
CA LYS B 277 1.46 -14.61 -13.15
C LYS B 277 1.20 -15.44 -11.92
N PHE B 278 1.28 -14.80 -10.76
CA PHE B 278 1.12 -15.46 -9.46
C PHE B 278 0.37 -14.53 -8.49
N VAL B 279 -0.21 -15.14 -7.45
CA VAL B 279 -0.73 -14.45 -6.28
C VAL B 279 0.02 -14.88 -5.02
N GLY B 280 0.32 -13.92 -4.15
CA GLY B 280 0.85 -14.18 -2.82
C GLY B 280 -0.28 -14.27 -1.82
N VAL B 281 -0.20 -15.28 -0.95
CA VAL B 281 -1.27 -15.57 -0.02
C VAL B 281 -0.73 -15.88 1.38
N GLY B 282 0.38 -15.25 1.71
CA GLY B 282 0.92 -15.36 3.07
C GLY B 282 2.38 -15.03 3.15
N GLU B 283 2.95 -15.33 4.31
CA GLU B 283 4.33 -14.94 4.62
C GLU B 283 5.30 -16.13 4.70
N GLY B 284 4.79 -17.34 4.41
CA GLY B 284 5.65 -18.52 4.32
C GLY B 284 6.09 -18.83 2.89
N PRO B 285 7.12 -19.66 2.74
CA PRO B 285 7.67 -19.97 1.41
C PRO B 285 6.70 -20.68 0.46
N ASP B 286 5.65 -21.32 0.97
CA ASP B 286 4.70 -22.04 0.11
C ASP B 286 3.51 -21.17 -0.29
N ASP B 287 3.48 -19.92 0.18
CA ASP B 287 2.27 -19.10 0.08
C ASP B 287 2.22 -18.31 -1.23
N LEU B 288 2.33 -19.04 -2.33
CA LEU B 288 2.29 -18.50 -3.68
C LEU B 288 1.48 -19.46 -4.53
N GLN B 289 0.61 -18.92 -5.37
CA GLN B 289 -0.17 -19.72 -6.29
C GLN B 289 -0.14 -19.15 -7.70
N PRO B 290 -0.07 -20.00 -8.72
CA PRO B 290 -0.26 -19.53 -10.08
C PRO B 290 -1.59 -18.79 -10.14
N PHE B 291 -1.68 -17.74 -10.96
CA PHE B 291 -2.91 -16.96 -11.06
C PHE B 291 -4.04 -17.80 -11.68
N ASP B 292 -5.21 -17.73 -11.06
CA ASP B 292 -6.41 -18.47 -11.46
C ASP B 292 -7.56 -17.48 -11.66
N PRO B 293 -7.79 -17.07 -12.90
CA PRO B 293 -8.73 -15.97 -13.17
C PRO B 293 -10.14 -16.27 -12.70
N GLU B 294 -10.59 -17.51 -12.82
CA GLU B 294 -11.94 -17.88 -12.43
C GLU B 294 -12.12 -17.73 -10.93
N ALA B 295 -11.18 -18.23 -10.15
CA ALA B 295 -11.23 -18.06 -8.70
C ALA B 295 -11.05 -16.60 -8.30
N PHE B 296 -10.20 -15.86 -9.01
CA PHE B 296 -9.97 -14.46 -8.68
C PHE B 296 -11.27 -13.67 -8.76
N VAL B 297 -11.99 -13.86 -9.87
CA VAL B 297 -13.24 -13.18 -10.12
C VAL B 297 -14.34 -13.62 -9.15
N GLU B 298 -14.37 -14.90 -8.82
CA GLU B 298 -15.32 -15.41 -7.85
C GLU B 298 -15.11 -14.70 -6.49
N ALA B 299 -13.86 -14.56 -6.08
CA ALA B 299 -13.50 -13.89 -4.83
C ALA B 299 -13.80 -12.40 -4.88
N LEU B 300 -13.59 -11.80 -6.05
CA LEU B 300 -13.78 -10.37 -6.22
C LEU B 300 -15.25 -9.97 -5.98
N LEU B 301 -16.16 -10.85 -6.36
CA LEU B 301 -17.60 -10.59 -6.24
C LEU B 301 -18.22 -11.03 -4.92
N GLU B 302 -17.46 -11.69 -4.05
CA GLU B 302 -17.98 -12.22 -2.78
C GLU B 302 -18.11 -11.15 -1.68
PG GCP C . 6.78 -5.01 8.01
O1G GCP C . 7.34 -4.80 9.37
O2G GCP C . 7.31 -6.28 7.45
O3G GCP C . 5.29 -4.94 8.00
C3B GCP C . 7.41 -3.67 6.95
PB GCP C . 7.20 -2.04 7.72
O1B GCP C . 5.75 -1.68 7.80
O2B GCP C . 7.99 -2.00 8.96
O3A GCP C . 7.83 -1.02 6.67
PA GCP C . 9.36 -0.58 6.47
O1A GCP C . 9.69 0.43 7.52
O2A GCP C . 10.20 -1.80 6.39
O5' GCP C . 9.27 0.17 5.05
C5' GCP C . 8.85 -0.47 3.83
C4' GCP C . 9.50 0.24 2.65
O4' GCP C . 8.90 1.55 2.52
C3' GCP C . 10.96 0.47 2.95
O3' GCP C . 11.54 0.28 1.64
C2' GCP C . 11.12 1.93 3.32
O2' GCP C . 12.33 2.59 3.04
C1' GCP C . 9.87 2.56 2.75
N9 GCP C . 9.27 3.72 3.38
C8 GCP C . 8.70 3.84 4.59
N7 GCP C . 8.18 5.11 4.75
C5 GCP C . 8.44 5.78 3.61
C6 GCP C . 8.20 7.12 3.03
O6 GCP C . 7.60 7.97 3.71
N1 GCP C . 8.62 7.39 1.79
C2 GCP C . 9.27 6.50 1.01
N2 GCP C . 9.68 6.85 -0.21
N3 GCP C . 9.55 5.24 1.43
C4 GCP C . 9.11 4.87 2.75
MG MG D . 8.76 -3.53 10.13
N1 BZP E . 1.79 16.32 3.54
C1 BZP E . 1.61 16.65 4.82
O1 BZP E . 2.53 17.03 5.55
O2 BZP E . 0.45 16.32 5.37
C2 BZP E . 3.15 16.02 3.11
C3 BZP E . 3.32 15.53 1.69
N4 BZP E . 2.16 15.62 0.84
C5 BZP E . 0.83 15.55 1.34
C6 BZP E . 0.59 16.11 2.72
N1 BZP F . 2.71 11.59 33.21
C1 BZP F . 3.54 10.55 33.00
O1 BZP F . 4.65 10.71 32.50
O2 BZP F . 3.26 9.32 33.40
C2 BZP F . 3.21 12.88 33.67
C3 BZP F . 2.69 13.95 32.73
N4 BZP F . 1.25 13.85 32.59
C5 BZP F . 0.58 12.57 32.51
C6 BZP F . 1.27 11.42 33.25
S SO4 G . -30.37 33.45 -13.47
O1 SO4 G . -31.61 34.05 -13.01
O2 SO4 G . -29.50 33.32 -12.28
O3 SO4 G . -30.69 32.17 -14.06
O4 SO4 G . -29.73 34.26 -14.50
S SO4 H . -26.42 8.95 -6.39
O1 SO4 H . -27.56 9.11 -7.28
O2 SO4 H . -26.76 9.59 -5.12
O3 SO4 H . -26.17 7.52 -6.21
O4 SO4 H . -25.24 9.60 -6.96
S SO4 I . 16.47 -10.79 13.04
O1 SO4 I . 15.14 -10.31 13.40
O2 SO4 I . 17.05 -11.47 14.21
O3 SO4 I . 16.32 -11.78 11.96
O4 SO4 I . 17.39 -9.71 12.69
S SO4 J . 1.01 17.71 -3.21
O1 SO4 J . 0.67 18.96 -2.53
O2 SO4 J . 2.44 17.63 -3.41
O3 SO4 J . 0.57 16.68 -2.34
O4 SO4 J . 0.32 17.60 -4.45
S SO4 K . -22.71 35.02 -4.23
O1 SO4 K . -24.12 35.19 -4.61
O2 SO4 K . -22.36 36.01 -3.22
O3 SO4 K . -22.52 33.64 -3.74
O4 SO4 K . -21.86 35.18 -5.39
S SO4 L . 7.82 -14.37 32.27
O1 SO4 L . 7.12 -14.84 31.08
O2 SO4 L . 6.98 -13.38 32.95
O3 SO4 L . 8.05 -15.51 33.16
O4 SO4 L . 9.10 -13.81 31.91
S SO4 M . 23.22 9.06 25.39
O1 SO4 M . 24.09 8.17 24.61
O2 SO4 M . 21.99 9.22 24.63
O3 SO4 M . 22.97 8.50 26.71
O4 SO4 M . 23.87 10.35 25.57
S SO4 N . 5.71 -9.05 36.43
O1 SO4 N . 5.42 -10.24 35.66
O2 SO4 N . 4.46 -8.31 36.59
O3 SO4 N . 6.27 -9.41 37.73
O4 SO4 N . 6.70 -8.23 35.76
S SO4 O . -21.86 -2.60 9.41
O1 SO4 O . -23.26 -2.30 9.69
O2 SO4 O . -21.16 -1.35 9.09
O3 SO4 O . -21.26 -3.23 10.59
O4 SO4 O . -21.75 -3.48 8.26
S SO4 P . 16.57 -15.13 19.48
O1 SO4 P . 15.79 -16.34 19.69
O2 SO4 P . 15.97 -14.02 20.20
O3 SO4 P . 17.92 -15.33 19.97
O4 SO4 P . 16.62 -14.84 18.05
PG GCP Q . 11.31 -3.12 0.14
O1G GCP Q . 12.46 -3.93 -0.37
O2G GCP Q . 11.66 -2.26 1.31
O3G GCP Q . 10.58 -2.34 -0.92
C3B GCP Q . 10.11 -4.23 0.86
PB GCP Q . 9.66 -5.54 -0.27
O1B GCP Q . 8.84 -5.01 -1.41
O2B GCP Q . 10.88 -6.33 -0.57
O3A GCP Q . 8.69 -6.47 0.61
PA GCP Q . 9.05 -7.63 1.63
O1A GCP Q . 9.28 -8.93 0.91
O2A GCP Q . 10.06 -7.15 2.59
O5' GCP Q . 7.64 -7.79 2.36
C5' GCP Q . 7.05 -6.74 3.11
C4' GCP Q . 6.09 -7.33 4.14
O4' GCP Q . 4.98 -7.90 3.46
C3' GCP Q . 6.78 -8.48 4.84
O3' GCP Q . 6.26 -8.38 6.18
C2' GCP Q . 6.21 -9.77 4.33
O2' GCP Q . 6.20 -10.90 5.18
C1' GCP Q . 4.93 -9.31 3.69
N9 GCP Q . 4.38 -10.07 2.58
C8 GCP Q . 4.92 -10.28 1.37
N7 GCP Q . 4.07 -11.06 0.61
C5 GCP Q . 2.98 -11.30 1.37
C6 GCP Q . 1.69 -12.02 1.30
O6 GCP Q . 1.38 -12.60 0.23
N1 GCP Q . 0.85 -12.00 2.35
C2 GCP Q . 1.11 -11.37 3.51
N2 GCP Q . 0.22 -11.42 4.52
N3 GCP Q . 2.26 -10.68 3.72
C4 GCP Q . 3.21 -10.66 2.63
MG MG R . 12.90 -5.96 -0.50
S SO4 S . 9.94 -25.03 5.15
O1 SO4 S . 8.68 -24.75 4.47
O2 SO4 S . 10.97 -24.05 4.84
O3 SO4 S . 9.71 -25.02 6.58
O4 SO4 S . 10.41 -26.35 4.70
C1 EDO T . -5.62 -6.41 4.79
O1 EDO T . -6.45 -7.52 5.05
C2 EDO T . -6.19 -5.58 3.67
O2 EDO T . -6.27 -6.36 2.50
C1 EDO U . 32.82 -4.90 -20.63
O1 EDO U . 32.72 -5.11 -19.24
C2 EDO U . 33.44 -3.56 -20.94
O2 EDO U . 32.43 -2.61 -21.18
C1 EDO V . 29.08 -4.45 -16.08
O1 EDO V . 28.53 -3.20 -16.44
C2 EDO V . 30.59 -4.37 -15.95
O2 EDO V . 31.21 -5.05 -17.03
C1 EDO W . 14.34 -16.93 6.84
O1 EDO W . 14.46 -17.69 8.02
C2 EDO W . 12.97 -17.13 6.22
O2 EDO W . 11.98 -17.15 7.21
#